data_7UBK
#
_entry.id   7UBK
#
_cell.length_a   34.304
_cell.length_b   64.317
_cell.length_c   65.319
_cell.angle_alpha   90.000
_cell.angle_beta   98.350
_cell.angle_gamma   90.000
#
_symmetry.space_group_name_H-M   'P 1 21 1'
#
loop_
_entity.id
_entity.type
_entity.pdbx_description
1 polymer 'Antitermination protein Q'
2 non-polymer 'ZINC ION'
3 non-polymer GLYCEROL
4 non-polymer 1,2-ETHANEDIOL
5 non-polymer 'CHLORIDE ION'
6 non-polymer DI(HYDROXYETHYL)ETHER
7 water water
#
_entity_poly.entity_id   1
_entity_poly.type   'polypeptide(L)'
_entity_poly.pdbx_seq_one_letter_code
;SDKQKAINYLMQFAHKVSGKYRGVAKLEGNTKAKVLQVLATFAYADYCRSAATPGARCRDCHGTGRAVDIAKTKLWGRVV
EKECGRCKGVGYSRMPASAAYRAVTMLIPNLTQPTWSRTVKPLYDALVVQCHKEESIADNILNAVTR
;
_entity_poly.pdbx_strand_id   A,B
#
loop_
_chem_comp.id
_chem_comp.type
_chem_comp.name
_chem_comp.formula
CL non-polymer 'CHLORIDE ION' 'Cl -1'
EDO non-polymer 1,2-ETHANEDIOL 'C2 H6 O2'
GOL non-polymer GLYCEROL 'C3 H8 O3'
PEG non-polymer DI(HYDROXYETHYL)ETHER 'C4 H10 O3'
ZN non-polymer 'ZINC ION' 'Zn 2'
#
# COMPACT_ATOMS: atom_id res chain seq x y z
N SER A 1 -3.42 -15.10 -0.46
CA SER A 1 -4.11 -15.84 0.58
C SER A 1 -4.07 -15.10 1.92
N ASP A 2 -2.87 -14.91 2.46
CA ASP A 2 -2.73 -14.12 3.69
C ASP A 2 -3.31 -12.72 3.49
N LYS A 3 -3.03 -12.08 2.35
CA LYS A 3 -3.62 -10.78 2.07
C LYS A 3 -5.13 -10.87 1.96
N GLN A 4 -5.64 -11.90 1.29
CA GLN A 4 -7.07 -12.07 1.16
C GLN A 4 -7.71 -12.27 2.54
N LYS A 5 -7.11 -13.11 3.38
CA LYS A 5 -7.64 -13.30 4.74
C LYS A 5 -7.65 -11.98 5.51
N ALA A 6 -6.56 -11.21 5.43
CA ALA A 6 -6.51 -9.94 6.13
C ALA A 6 -7.60 -9.00 5.67
N ILE A 7 -7.76 -8.86 4.35
CA ILE A 7 -8.76 -7.95 3.83
C ILE A 7 -10.16 -8.44 4.17
N ASN A 8 -10.38 -9.75 4.19
CA ASN A 8 -11.68 -10.28 4.58
C ASN A 8 -12.00 -9.90 6.02
N TYR A 9 -11.03 -10.11 6.92
CA TYR A 9 -11.20 -9.73 8.31
C TYR A 9 -11.52 -8.24 8.45
N LEU A 10 -10.78 -7.40 7.73
CA LEU A 10 -11.00 -5.96 7.83
C LEU A 10 -12.38 -5.59 7.29
N MET A 11 -12.84 -6.29 6.25
CA MET A 11 -14.17 -5.99 5.70
C MET A 11 -15.26 -6.43 6.65
N GLN A 12 -15.08 -7.56 7.33
CA GLN A 12 -16.06 -7.99 8.32
C GLN A 12 -16.12 -6.99 9.48
N PHE A 13 -14.96 -6.54 9.96
CA PHE A 13 -14.93 -5.52 10.99
C PHE A 13 -15.65 -4.25 10.53
N ALA A 14 -15.32 -3.80 9.32
CA ALA A 14 -15.93 -2.60 8.76
C ALA A 14 -17.44 -2.75 8.66
N HIS A 15 -17.91 -3.92 8.22
CA HIS A 15 -19.34 -4.16 8.17
C HIS A 15 -19.96 -4.03 9.55
N LYS A 16 -19.28 -4.55 10.57
CA LYS A 16 -19.82 -4.49 11.93
C LYS A 16 -19.93 -3.06 12.41
N VAL A 17 -18.96 -2.21 12.08
CA VAL A 17 -18.94 -0.86 12.66
C VAL A 17 -19.40 0.25 11.69
N SER A 18 -19.78 -0.09 10.46
CA SER A 18 -20.03 0.95 9.46
C SER A 18 -21.17 1.87 9.87
N GLY A 19 -22.15 1.35 10.60
CA GLY A 19 -23.29 2.14 11.05
C GLY A 19 -22.93 3.33 11.90
N LYS A 20 -21.71 3.36 12.45
CA LYS A 20 -21.27 4.45 13.31
C LYS A 20 -20.80 5.67 12.54
N TYR A 21 -20.58 5.55 11.24
CA TYR A 21 -19.96 6.60 10.43
C TYR A 21 -20.97 7.09 9.40
N ARG A 22 -21.39 8.35 9.57
CA ARG A 22 -22.52 8.89 8.83
C ARG A 22 -22.29 8.85 7.33
N GLY A 23 -21.04 9.05 6.89
CA GLY A 23 -20.75 9.04 5.47
C GLY A 23 -20.89 7.67 4.84
N VAL A 24 -20.88 6.61 5.64
CA VAL A 24 -20.94 5.25 5.15
C VAL A 24 -22.28 4.60 5.42
N ALA A 25 -22.87 4.86 6.59
CA ALA A 25 -24.09 4.19 7.01
C ALA A 25 -25.27 4.51 6.10
N LYS A 26 -25.27 5.67 5.46
CA LYS A 26 -26.39 6.10 4.63
C LYS A 26 -26.30 5.60 3.20
N LEU A 27 -25.24 4.88 2.84
CA LEU A 27 -25.02 4.50 1.46
C LEU A 27 -25.91 3.33 1.04
N GLU A 28 -26.06 3.18 -0.27
CA GLU A 28 -26.81 2.06 -0.82
C GLU A 28 -26.00 0.78 -0.67
N GLY A 29 -26.70 -0.35 -0.78
CA GLY A 29 -26.08 -1.65 -0.58
C GLY A 29 -24.80 -1.89 -1.36
N ASN A 30 -24.91 -1.83 -2.69
CA ASN A 30 -23.75 -2.12 -3.54
C ASN A 30 -22.66 -1.09 -3.33
N THR A 31 -23.02 0.19 -3.27
CA THR A 31 -22.01 1.23 -3.03
C THR A 31 -21.36 1.03 -1.66
N LYS A 32 -22.16 0.70 -0.64
CA LYS A 32 -21.58 0.48 0.68
C LYS A 32 -20.56 -0.64 0.64
N ALA A 33 -20.91 -1.77 0.01
CA ALA A 33 -19.99 -2.90 -0.07
C ALA A 33 -18.69 -2.51 -0.78
N LYS A 34 -18.81 -1.81 -1.92
CA LYS A 34 -17.63 -1.39 -2.66
C LYS A 34 -16.76 -0.46 -1.82
N VAL A 35 -17.39 0.46 -1.09
CA VAL A 35 -16.65 1.40 -0.26
C VAL A 35 -15.93 0.66 0.87
N LEU A 36 -16.61 -0.30 1.52
CA LEU A 36 -15.95 -1.03 2.59
C LEU A 36 -14.76 -1.81 2.05
N GLN A 37 -14.89 -2.37 0.84
CA GLN A 37 -13.76 -3.05 0.22
C GLN A 37 -12.60 -2.08 0.01
N VAL A 38 -12.87 -0.91 -0.57
CA VAL A 38 -11.81 0.06 -0.81
C VAL A 38 -11.12 0.43 0.50
N LEU A 39 -11.92 0.75 1.53
CA LEU A 39 -11.34 1.19 2.79
C LEU A 39 -10.52 0.10 3.44
N ALA A 40 -11.00 -1.14 3.44
CA ALA A 40 -10.23 -2.23 4.03
C ALA A 40 -8.91 -2.41 3.31
N THR A 41 -8.94 -2.42 1.97
CA THR A 41 -7.72 -2.65 1.21
C THR A 41 -6.72 -1.53 1.43
N PHE A 42 -7.18 -0.27 1.36
CA PHE A 42 -6.27 0.84 1.56
C PHE A 42 -5.75 0.91 2.99
N ALA A 43 -6.56 0.50 3.97
CA ALA A 43 -6.08 0.45 5.35
C ALA A 43 -4.94 -0.55 5.49
N TYR A 44 -5.12 -1.75 4.94
CA TYR A 44 -4.05 -2.75 4.95
C TYR A 44 -2.77 -2.21 4.30
N ALA A 45 -2.90 -1.72 3.06
CA ALA A 45 -1.72 -1.29 2.32
C ALA A 45 -1.04 -0.08 2.98
N ASP A 46 -1.84 0.88 3.45
CA ASP A 46 -1.27 2.08 4.05
C ASP A 46 -0.66 1.79 5.42
N TYR A 47 -1.20 0.82 6.16
CA TYR A 47 -0.54 0.37 7.38
C TYR A 47 0.82 -0.21 7.06
N CYS A 48 0.89 -1.07 6.03
CA CYS A 48 2.19 -1.60 5.62
C CYS A 48 3.15 -0.48 5.25
N ARG A 49 2.67 0.53 4.51
CA ARG A 49 3.55 1.61 4.06
C ARG A 49 4.06 2.42 5.25
N SER A 50 3.19 2.68 6.23
CA SER A 50 3.68 3.27 7.47
C SER A 50 4.78 2.42 8.08
N ALA A 51 4.52 1.13 8.26
CA ALA A 51 5.48 0.25 8.92
C ALA A 51 6.79 0.17 8.16
N ALA A 52 6.77 0.41 6.85
CA ALA A 52 7.95 0.29 6.01
C ALA A 52 8.72 1.60 5.89
N THR A 53 8.19 2.70 6.41
CA THR A 53 8.87 3.99 6.34
C THR A 53 9.94 4.05 7.43
N PRO A 54 11.23 4.16 7.07
CA PRO A 54 12.26 4.23 8.12
C PRO A 54 11.99 5.38 9.07
N GLY A 55 12.13 5.10 10.36
CA GLY A 55 11.91 6.10 11.38
C GLY A 55 10.46 6.37 11.73
N ALA A 56 9.52 5.63 11.17
CA ALA A 56 8.11 5.92 11.36
C ALA A 56 7.56 5.39 12.68
N ARG A 57 8.27 4.51 13.37
CA ARG A 57 7.78 3.95 14.62
C ARG A 57 7.54 5.07 15.63
N CYS A 58 6.37 5.02 16.28
CA CYS A 58 5.98 6.06 17.23
C CYS A 58 7.01 6.17 18.35
N ARG A 59 7.41 7.41 18.65
CA ARG A 59 8.44 7.66 19.66
C ARG A 59 7.91 7.60 21.08
N ASP A 60 6.60 7.71 21.28
CA ASP A 60 6.04 7.67 22.62
C ASP A 60 5.82 6.23 23.08
N CYS A 61 5.27 5.38 22.22
CA CYS A 61 5.00 3.99 22.58
C CYS A 61 5.99 3.01 21.96
N HIS A 62 6.90 3.49 21.12
CA HIS A 62 7.93 2.65 20.50
C HIS A 62 7.32 1.55 19.63
N GLY A 63 6.14 1.80 19.09
CA GLY A 63 5.52 0.88 18.17
C GLY A 63 4.45 -0.03 18.74
N THR A 64 4.21 -0.01 20.05
CA THR A 64 3.20 -0.90 20.60
C THR A 64 1.78 -0.37 20.34
N GLY A 65 1.63 0.94 20.19
CA GLY A 65 0.32 1.55 20.06
C GLY A 65 -0.44 1.71 21.35
N ARG A 66 0.19 1.43 22.49
CA ARG A 66 -0.50 1.42 23.77
C ARG A 66 0.25 2.27 24.78
N ALA A 67 -0.48 2.68 25.82
CA ALA A 67 0.05 3.47 26.92
C ALA A 67 -0.69 3.03 28.18
N VAL A 68 -0.12 3.33 29.34
CA VAL A 68 -0.79 2.99 30.59
C VAL A 68 -1.98 3.92 30.79
N ASP A 69 -3.12 3.34 31.14
CA ASP A 69 -4.30 4.10 31.57
C ASP A 69 -4.21 4.31 33.07
N ILE A 70 -3.90 5.54 33.48
CA ILE A 70 -3.61 5.82 34.88
C ILE A 70 -4.79 5.46 35.76
N ALA A 71 -5.95 6.06 35.48
CA ALA A 71 -7.10 5.91 36.35
C ALA A 71 -7.53 4.45 36.47
N LYS A 72 -7.65 3.75 35.35
CA LYS A 72 -8.06 2.35 35.41
C LYS A 72 -7.01 1.51 36.12
N THR A 73 -5.72 1.84 35.91
CA THR A 73 -4.65 1.12 36.58
C THR A 73 -4.79 1.23 38.09
N LYS A 74 -5.04 2.44 38.59
CA LYS A 74 -5.15 2.56 40.04
C LYS A 74 -6.47 1.97 40.55
N LEU A 75 -7.52 2.00 39.73
CA LEU A 75 -8.79 1.43 40.14
C LEU A 75 -8.69 -0.09 40.31
N TRP A 76 -7.98 -0.75 39.39
CA TRP A 76 -7.93 -2.22 39.41
C TRP A 76 -6.68 -2.77 40.09
N GLY A 77 -5.71 -1.93 40.43
CA GLY A 77 -4.48 -2.43 41.00
C GLY A 77 -3.66 -3.25 40.05
N ARG A 78 -3.96 -3.18 38.76
CA ARG A 78 -3.25 -3.92 37.72
C ARG A 78 -3.09 -2.99 36.52
N VAL A 79 -2.10 -3.27 35.70
CA VAL A 79 -1.85 -2.42 34.53
C VAL A 79 -3.05 -2.53 33.59
N VAL A 80 -3.68 -1.40 33.31
CA VAL A 80 -4.75 -1.30 32.32
C VAL A 80 -4.29 -0.32 31.26
N GLU A 81 -4.35 -0.75 30.00
CA GLU A 81 -3.83 0.02 28.89
C GLU A 81 -4.91 0.78 28.14
N LYS A 82 -4.46 1.76 27.37
CA LYS A 82 -5.28 2.60 26.52
C LYS A 82 -4.48 2.85 25.26
N GLU A 83 -5.15 3.39 24.25
CA GLU A 83 -4.47 3.76 23.01
C GLU A 83 -3.37 4.78 23.30
N CYS A 84 -2.22 4.61 22.65
CA CYS A 84 -1.20 5.64 22.69
C CYS A 84 -1.77 6.94 22.13
N GLY A 85 -1.56 8.05 22.85
CA GLY A 85 -2.16 9.30 22.45
C GLY A 85 -1.57 9.90 21.19
N ARG A 86 -0.33 9.56 20.85
CA ARG A 86 0.33 10.18 19.71
C ARG A 86 -0.07 9.51 18.41
N CYS A 87 0.04 8.18 18.35
CA CYS A 87 -0.29 7.42 17.15
C CYS A 87 -1.70 6.84 17.18
N LYS A 88 -2.41 6.98 18.29
CA LYS A 88 -3.81 6.56 18.39
C LYS A 88 -3.97 5.08 18.13
N GLY A 89 -2.93 4.30 18.40
CA GLY A 89 -2.99 2.86 18.31
C GLY A 89 -2.33 2.26 17.10
N VAL A 90 -1.83 3.07 16.17
CA VAL A 90 -1.24 2.53 14.96
C VAL A 90 0.20 2.08 15.21
N GLY A 91 0.90 2.73 16.14
CA GLY A 91 2.28 2.42 16.43
C GLY A 91 3.28 3.07 15.51
N TYR A 92 2.81 3.76 14.48
CA TYR A 92 3.67 4.37 13.47
C TYR A 92 3.08 5.71 13.05
N SER A 93 3.92 6.55 12.46
CA SER A 93 3.44 7.74 11.79
C SER A 93 2.50 7.36 10.65
N ARG A 94 1.54 8.23 10.38
CA ARG A 94 0.47 7.92 9.44
C ARG A 94 0.86 8.36 8.03
N MET A 95 0.49 7.53 7.06
CA MET A 95 0.55 7.90 5.65
C MET A 95 -0.63 8.81 5.31
N PRO A 96 -0.44 9.76 4.39
CA PRO A 96 -1.59 10.51 3.88
C PRO A 96 -2.58 9.55 3.22
N ALA A 97 -3.87 9.83 3.41
CA ALA A 97 -4.92 9.00 2.87
C ALA A 97 -5.52 9.57 1.58
N SER A 98 -4.76 10.39 0.86
CA SER A 98 -5.32 11.04 -0.32
C SER A 98 -5.71 10.02 -1.38
N ALA A 99 -4.89 8.99 -1.58
CA ALA A 99 -5.22 7.98 -2.58
C ALA A 99 -6.48 7.21 -2.20
N ALA A 100 -6.64 6.89 -0.91
CA ALA A 100 -7.87 6.24 -0.46
C ALA A 100 -9.07 7.14 -0.70
N TYR A 101 -8.93 8.43 -0.39
CA TYR A 101 -10.00 9.38 -0.63
C TYR A 101 -10.39 9.38 -2.11
N ARG A 102 -9.41 9.51 -3.00
CA ARG A 102 -9.70 9.52 -4.43
C ARG A 102 -10.39 8.23 -4.84
N ALA A 103 -9.96 7.09 -4.30
CA ALA A 103 -10.61 5.82 -4.65
C ALA A 103 -12.07 5.83 -4.23
N VAL A 104 -12.37 6.43 -3.06
CA VAL A 104 -13.75 6.50 -2.59
C VAL A 104 -14.57 7.49 -3.42
N THR A 105 -13.94 8.57 -3.92
CA THR A 105 -14.70 9.51 -4.75
C THR A 105 -15.21 8.84 -6.02
N MET A 106 -14.54 7.78 -6.47
CA MET A 106 -15.04 7.04 -7.63
C MET A 106 -16.40 6.40 -7.35
N LEU A 107 -16.68 6.09 -6.08
CA LEU A 107 -17.92 5.48 -5.65
C LEU A 107 -18.90 6.48 -5.04
N ILE A 108 -18.38 7.58 -4.50
CA ILE A 108 -19.19 8.65 -3.91
C ILE A 108 -18.74 9.96 -4.59
N PRO A 109 -19.17 10.22 -5.82
CA PRO A 109 -18.53 11.29 -6.60
C PRO A 109 -18.68 12.67 -6.01
N ASN A 110 -19.67 12.90 -5.16
CA ASN A 110 -19.89 14.20 -4.53
C ASN A 110 -19.21 14.32 -3.17
N LEU A 111 -18.32 13.38 -2.84
CA LEU A 111 -17.65 13.40 -1.54
C LEU A 111 -16.48 14.39 -1.59
N THR A 112 -16.60 15.48 -0.85
CA THR A 112 -15.51 16.42 -0.70
C THR A 112 -14.52 15.91 0.33
N GLN A 113 -13.30 16.44 0.28
CA GLN A 113 -12.28 16.00 1.22
C GLN A 113 -12.63 16.33 2.66
N PRO A 114 -13.20 17.48 3.00
CA PRO A 114 -13.58 17.73 4.40
C PRO A 114 -14.69 16.82 4.90
N THR A 115 -15.73 16.64 4.10
CA THR A 115 -16.78 15.68 4.44
C THR A 115 -16.20 14.29 4.59
N TRP A 116 -15.27 13.91 3.70
CA TRP A 116 -14.55 12.65 3.84
C TRP A 116 -13.85 12.59 5.20
N SER A 117 -13.10 13.63 5.56
CA SER A 117 -12.31 13.57 6.78
C SER A 117 -13.21 13.41 7.99
N ARG A 118 -14.42 13.95 7.94
CA ARG A 118 -15.28 13.92 9.12
C ARG A 118 -16.26 12.74 9.15
N THR A 119 -16.66 12.20 7.99
CA THR A 119 -17.76 11.24 7.94
C THR A 119 -17.38 9.88 7.41
N VAL A 120 -16.21 9.73 6.77
CA VAL A 120 -15.80 8.45 6.19
C VAL A 120 -14.40 8.07 6.66
N LYS A 121 -13.47 9.02 6.57
CA LYS A 121 -12.08 8.71 6.93
C LYS A 121 -11.95 8.08 8.31
N PRO A 122 -12.76 8.45 9.32
CA PRO A 122 -12.60 7.79 10.63
C PRO A 122 -12.77 6.28 10.58
N LEU A 123 -13.59 5.76 9.66
CA LEU A 123 -13.68 4.30 9.52
C LEU A 123 -12.37 3.74 9.00
N TYR A 124 -11.76 4.40 8.01
CA TYR A 124 -10.46 3.99 7.50
C TYR A 124 -9.39 4.02 8.59
N ASP A 125 -9.38 5.07 9.40
CA ASP A 125 -8.43 5.15 10.51
C ASP A 125 -8.67 4.00 11.50
N ALA A 126 -9.93 3.69 11.80
CA ALA A 126 -10.24 2.56 12.66
C ALA A 126 -9.71 1.25 12.08
N LEU A 127 -9.77 1.10 10.75
CA LEU A 127 -9.30 -0.14 10.13
C LEU A 127 -7.79 -0.23 10.17
N VAL A 128 -7.08 0.89 10.02
CA VAL A 128 -5.62 0.87 10.17
C VAL A 128 -5.24 0.48 11.60
N VAL A 129 -5.92 1.08 12.58
CA VAL A 129 -5.70 0.69 13.96
C VAL A 129 -5.94 -0.80 14.13
N GLN A 130 -6.98 -1.32 13.48
CA GLN A 130 -7.28 -2.74 13.59
C GLN A 130 -6.19 -3.60 12.97
N CYS A 131 -5.56 -3.13 11.89
CA CYS A 131 -4.37 -3.82 11.38
C CYS A 131 -3.34 -3.96 12.47
N HIS A 132 -3.14 -2.90 13.25
CA HIS A 132 -2.14 -3.00 14.32
C HIS A 132 -2.63 -3.90 15.46
N LYS A 133 -3.94 -3.90 15.75
CA LYS A 133 -4.42 -4.66 16.91
C LYS A 133 -4.45 -6.15 16.62
N GLU A 134 -4.88 -6.55 15.42
CA GLU A 134 -5.00 -7.97 15.07
C GLU A 134 -3.62 -8.58 14.89
N GLU A 135 -3.25 -9.48 15.81
CA GLU A 135 -1.87 -9.97 15.85
C GLU A 135 -1.47 -10.62 14.53
N SER A 136 -2.37 -11.37 13.89
CA SER A 136 -2.02 -12.03 12.63
C SER A 136 -1.56 -11.01 11.59
N ILE A 137 -2.36 -9.98 11.37
CA ILE A 137 -2.03 -8.97 10.37
C ILE A 137 -0.73 -8.25 10.76
N ALA A 138 -0.69 -7.72 11.97
CA ALA A 138 0.46 -6.92 12.41
C ALA A 138 1.75 -7.71 12.32
N ASP A 139 1.74 -8.97 12.75
CA ASP A 139 2.96 -9.77 12.73
C ASP A 139 3.36 -10.11 11.30
N ASN A 140 2.39 -10.49 10.45
CA ASN A 140 2.71 -10.79 9.06
C ASN A 140 3.36 -9.58 8.38
N ILE A 141 2.81 -8.39 8.63
CA ILE A 141 3.38 -7.18 8.04
C ILE A 141 4.74 -6.87 8.63
N LEU A 142 4.91 -7.00 9.95
CA LEU A 142 6.22 -6.72 10.55
C LEU A 142 7.29 -7.62 9.95
N ASN A 143 7.01 -8.93 9.87
CA ASN A 143 7.99 -9.85 9.32
C ASN A 143 8.26 -9.56 7.85
N ALA A 144 7.23 -9.12 7.11
CA ALA A 144 7.41 -8.80 5.70
C ALA A 144 8.26 -7.55 5.53
N VAL A 145 8.02 -6.53 6.34
CA VAL A 145 8.72 -5.26 6.18
C VAL A 145 10.19 -5.43 6.56
N THR A 146 10.46 -6.15 7.64
CA THR A 146 11.83 -6.31 8.10
C THR A 146 12.55 -7.42 7.35
N SER B 1 3.77 -14.24 5.15
CA SER B 1 4.45 -15.27 4.36
C SER B 1 4.31 -14.93 2.88
N ASP B 2 3.06 -14.90 2.40
CA ASP B 2 2.80 -14.48 1.03
C ASP B 2 3.34 -13.08 0.77
N LYS B 3 3.10 -12.14 1.69
CA LYS B 3 3.68 -10.81 1.58
C LYS B 3 5.20 -10.85 1.66
N GLN B 4 5.72 -11.67 2.58
CA GLN B 4 7.17 -11.83 2.69
C GLN B 4 7.76 -12.40 1.41
N LYS B 5 7.11 -13.42 0.85
CA LYS B 5 7.60 -13.98 -0.41
C LYS B 5 7.62 -12.92 -1.51
N ALA B 6 6.54 -12.15 -1.62
CA ALA B 6 6.49 -11.11 -2.65
C ALA B 6 7.61 -10.09 -2.46
N ILE B 7 7.79 -9.61 -1.24
CA ILE B 7 8.81 -8.59 -0.99
C ILE B 7 10.21 -9.16 -1.21
N ASN B 8 10.44 -10.42 -0.86
CA ASN B 8 11.74 -11.03 -1.12
C ASN B 8 12.01 -11.12 -2.61
N TYR B 9 11.01 -11.57 -3.37
CA TYR B 9 11.15 -11.64 -4.83
C TYR B 9 11.48 -10.27 -5.39
N LEU B 10 10.76 -9.24 -4.95
CA LEU B 10 11.00 -7.90 -5.48
C LEU B 10 12.36 -7.37 -5.07
N MET B 11 12.80 -7.67 -3.84
CA MET B 11 14.09 -7.18 -3.38
C MET B 11 15.23 -7.84 -4.13
N GLN B 12 15.11 -9.15 -4.40
CA GLN B 12 16.14 -9.81 -5.20
C GLN B 12 16.16 -9.28 -6.62
N PHE B 13 14.99 -9.09 -7.23
CA PHE B 13 14.94 -8.49 -8.56
C PHE B 13 15.63 -7.13 -8.58
N ALA B 14 15.33 -6.30 -7.58
CA ALA B 14 15.92 -4.98 -7.50
C ALA B 14 17.44 -5.07 -7.43
N HIS B 15 17.96 -5.98 -6.58
CA HIS B 15 19.40 -6.15 -6.54
C HIS B 15 19.93 -6.59 -7.91
N LYS B 16 19.21 -7.48 -8.60
CA LYS B 16 19.70 -7.97 -9.88
C LYS B 16 19.81 -6.84 -10.90
N VAL B 17 18.84 -5.92 -10.92
CA VAL B 17 18.80 -4.90 -11.95
C VAL B 17 19.37 -3.58 -11.49
N SER B 18 19.86 -3.49 -10.25
CA SER B 18 20.28 -2.20 -9.71
C SER B 18 21.37 -1.54 -10.54
N GLY B 19 22.19 -2.33 -11.23
CA GLY B 19 23.22 -1.74 -12.07
C GLY B 19 22.68 -0.82 -13.14
N LYS B 20 21.38 -0.91 -13.44
CA LYS B 20 20.81 -0.07 -14.49
C LYS B 20 20.50 1.34 -14.01
N TYR B 21 20.42 1.55 -12.69
CA TYR B 21 19.94 2.82 -12.15
C TYR B 21 21.02 3.46 -11.29
N ARG B 22 21.57 4.57 -11.77
CA ARG B 22 22.72 5.19 -11.13
C ARG B 22 22.41 5.64 -9.71
N GLY B 23 21.15 6.03 -9.44
CA GLY B 23 20.81 6.54 -8.13
C GLY B 23 20.97 5.53 -7.01
N VAL B 24 20.97 4.24 -7.33
CA VAL B 24 21.15 3.19 -6.35
C VAL B 24 22.49 2.49 -6.52
N ALA B 25 22.94 2.30 -7.77
CA ALA B 25 24.12 1.50 -8.04
C ALA B 25 25.36 2.06 -7.37
N LYS B 26 25.39 3.35 -7.07
CA LYS B 26 26.55 3.97 -6.44
C LYS B 26 26.53 3.86 -4.91
N LEU B 27 25.47 3.29 -4.34
CA LEU B 27 25.32 3.23 -2.89
C LEU B 27 26.17 2.11 -2.31
N GLU B 28 26.46 2.24 -1.01
CA GLU B 28 27.16 1.21 -0.26
C GLU B 28 26.20 0.09 0.16
N GLY B 29 26.81 -1.03 0.57
CA GLY B 29 26.07 -2.24 0.88
C GLY B 29 24.85 -2.07 1.77
N ASN B 30 25.05 -1.60 3.00
CA ASN B 30 23.92 -1.51 3.92
C ASN B 30 22.89 -0.50 3.44
N THR B 31 23.34 0.67 3.00
CA THR B 31 22.41 1.68 2.51
C THR B 31 21.67 1.20 1.27
N LYS B 32 22.39 0.58 0.33
CA LYS B 32 21.74 0.04 -0.87
C LYS B 32 20.69 -0.99 -0.49
N ALA B 33 21.03 -1.90 0.42
CA ALA B 33 20.09 -2.94 0.83
C ALA B 33 18.84 -2.31 1.46
N LYS B 34 19.02 -1.34 2.37
CA LYS B 34 17.86 -0.72 2.98
C LYS B 34 16.99 -0.01 1.93
N VAL B 35 17.62 0.68 0.99
CA VAL B 35 16.86 1.40 -0.03
C VAL B 35 16.08 0.44 -0.90
N LEU B 36 16.72 -0.64 -1.33
CA LEU B 36 16.03 -1.61 -2.17
C LEU B 36 14.89 -2.29 -1.42
N GLN B 37 15.08 -2.56 -0.12
CA GLN B 37 13.98 -3.11 0.68
C GLN B 37 12.79 -2.16 0.69
N VAL B 38 13.06 -0.88 0.94
CA VAL B 38 11.98 0.12 0.95
C VAL B 38 11.28 0.15 -0.40
N LEU B 39 12.06 0.17 -1.49
CA LEU B 39 11.46 0.28 -2.81
C LEU B 39 10.59 -0.94 -3.11
N ALA B 40 11.07 -2.14 -2.76
CA ALA B 40 10.27 -3.34 -2.98
C ALA B 40 8.96 -3.30 -2.20
N THR B 41 9.02 -2.91 -0.93
CA THR B 41 7.82 -2.91 -0.10
C THR B 41 6.80 -1.91 -0.64
N PHE B 42 7.26 -0.70 -0.96
CA PHE B 42 6.34 0.30 -1.49
C PHE B 42 5.84 -0.06 -2.87
N ALA B 43 6.64 -0.74 -3.69
CA ALA B 43 6.14 -1.17 -5.00
C ALA B 43 4.99 -2.14 -4.83
N TYR B 44 5.17 -3.13 -3.95
CA TYR B 44 4.10 -4.08 -3.63
C TYR B 44 2.85 -3.36 -3.15
N ALA B 45 2.99 -2.50 -2.13
CA ALA B 45 1.83 -1.83 -1.54
C ALA B 45 1.14 -0.91 -2.54
N ASP B 46 1.90 -0.13 -3.31
CA ASP B 46 1.33 0.83 -4.24
C ASP B 46 0.71 0.12 -5.44
N TYR B 47 1.27 -1.01 -5.86
CA TYR B 47 0.60 -1.83 -6.88
C TYR B 47 -0.76 -2.28 -6.36
N CYS B 48 -0.80 -2.76 -5.12
CA CYS B 48 -2.09 -3.14 -4.53
C CYS B 48 -3.06 -1.97 -4.53
N ARG B 49 -2.58 -0.78 -4.17
CA ARG B 49 -3.45 0.39 -4.10
C ARG B 49 -3.98 0.78 -5.48
N SER B 50 -3.14 0.67 -6.52
CA SER B 50 -3.64 0.85 -7.89
C SER B 50 -4.74 -0.15 -8.20
N ALA B 51 -4.49 -1.43 -7.96
CA ALA B 51 -5.49 -2.45 -8.31
C ALA B 51 -6.77 -2.28 -7.51
N ALA B 52 -6.71 -1.64 -6.34
CA ALA B 52 -7.87 -1.48 -5.49
C ALA B 52 -8.66 -0.20 -5.78
N THR B 53 -8.15 0.66 -6.65
CA THR B 53 -8.84 1.90 -7.00
C THR B 53 -9.89 1.63 -8.06
N PRO B 54 -11.17 1.87 -7.77
CA PRO B 54 -12.20 1.66 -8.80
C PRO B 54 -11.90 2.48 -10.06
N GLY B 55 -12.08 1.84 -11.21
CA GLY B 55 -11.83 2.46 -12.50
C GLY B 55 -10.37 2.57 -12.91
N ALA B 56 -9.45 2.01 -12.12
CA ALA B 56 -8.03 2.20 -12.38
C ALA B 56 -7.47 1.27 -13.46
N ARG B 57 -8.21 0.24 -13.87
CA ARG B 57 -7.68 -0.70 -14.86
C ARG B 57 -7.33 0.06 -16.13
N CYS B 58 -6.12 -0.17 -16.65
CA CYS B 58 -5.69 0.56 -17.84
C CYS B 58 -6.71 0.37 -18.96
N ARG B 59 -7.11 1.48 -19.58
CA ARG B 59 -8.17 1.44 -20.59
C ARG B 59 -7.66 1.02 -21.96
N ASP B 60 -6.35 1.10 -22.20
CA ASP B 60 -5.81 0.75 -23.51
C ASP B 60 -5.55 -0.75 -23.63
N CYS B 61 -5.00 -1.36 -22.58
CA CYS B 61 -4.67 -2.77 -22.58
C CYS B 61 -5.65 -3.62 -21.79
N HIS B 62 -6.62 -3.00 -21.12
CA HIS B 62 -7.65 -3.71 -20.37
C HIS B 62 -7.06 -4.52 -19.22
N GLY B 63 -5.95 -4.03 -18.67
CA GLY B 63 -5.37 -4.59 -17.48
C GLY B 63 -4.25 -5.59 -17.72
N THR B 64 -4.02 -5.99 -18.97
CA THR B 64 -2.99 -6.99 -19.22
C THR B 64 -1.60 -6.39 -19.11
N GLY B 65 -1.46 -5.09 -19.33
CA GLY B 65 -0.17 -4.45 -19.37
C GLY B 65 0.61 -4.68 -20.64
N ARG B 66 -0.01 -5.31 -21.64
CA ARG B 66 0.69 -5.69 -22.86
C ARG B 66 -0.09 -5.16 -24.06
N ALA B 67 0.64 -4.99 -25.16
CA ALA B 67 0.06 -4.54 -26.42
C ALA B 67 0.83 -5.16 -27.58
N VAL B 68 0.22 -5.14 -28.76
CA VAL B 68 0.90 -5.62 -29.96
C VAL B 68 1.95 -4.59 -30.36
N ASP B 69 3.17 -5.06 -30.63
CA ASP B 69 4.22 -4.22 -31.20
C ASP B 69 4.08 -4.31 -32.71
N ILE B 70 3.55 -3.25 -33.33
CA ILE B 70 3.18 -3.32 -34.74
C ILE B 70 4.40 -3.65 -35.59
N ALA B 71 5.43 -2.81 -35.51
CA ALA B 71 6.58 -2.96 -36.40
C ALA B 71 7.22 -4.33 -36.25
N LYS B 72 7.47 -4.75 -35.01
CA LYS B 72 8.07 -6.06 -34.79
C LYS B 72 7.13 -7.17 -35.24
N THR B 73 5.82 -6.97 -35.08
CA THR B 73 4.85 -7.97 -35.55
C THR B 73 5.01 -8.22 -37.04
N LYS B 74 5.09 -7.15 -37.83
CA LYS B 74 5.23 -7.29 -39.27
C LYS B 74 6.63 -7.71 -39.69
N LEU B 75 7.65 -7.37 -38.90
CA LEU B 75 9.00 -7.80 -39.25
C LEU B 75 9.14 -9.31 -39.25
N TRP B 76 8.56 -9.97 -38.25
CA TRP B 76 8.71 -11.42 -38.09
C TRP B 76 7.55 -12.21 -38.66
N GLY B 77 6.51 -11.54 -39.15
CA GLY B 77 5.34 -12.23 -39.66
C GLY B 77 4.50 -12.93 -38.62
N ARG B 78 4.68 -12.60 -37.35
CA ARG B 78 3.93 -13.21 -36.26
C ARG B 78 3.64 -12.12 -35.22
N VAL B 79 2.58 -12.34 -34.46
CA VAL B 79 2.22 -11.38 -33.42
C VAL B 79 3.28 -11.41 -32.32
N VAL B 80 3.86 -10.26 -32.04
CA VAL B 80 4.83 -10.09 -30.95
C VAL B 80 4.27 -9.06 -29.98
N GLU B 81 4.29 -9.39 -28.70
CA GLU B 81 3.69 -8.51 -27.70
C GLU B 81 4.74 -7.53 -27.17
N LYS B 82 4.25 -6.45 -26.56
CA LYS B 82 5.11 -5.42 -26.01
C LYS B 82 4.39 -4.77 -24.84
N GLU B 83 5.17 -4.08 -24.01
CA GLU B 83 4.61 -3.35 -22.89
C GLU B 83 3.62 -2.30 -23.40
N CYS B 84 2.45 -2.24 -22.75
CA CYS B 84 1.47 -1.22 -23.09
C CYS B 84 2.07 0.17 -22.91
N GLY B 85 1.87 1.02 -23.90
CA GLY B 85 2.47 2.35 -23.86
C GLY B 85 1.88 3.27 -22.83
N ARG B 86 0.64 3.02 -22.41
CA ARG B 86 -0.04 3.90 -21.46
C ARG B 86 0.35 3.59 -20.03
N CYS B 87 0.24 2.32 -19.63
CA CYS B 87 0.57 1.91 -18.26
C CYS B 87 1.96 1.30 -18.15
N LYS B 88 2.63 1.06 -19.27
CA LYS B 88 4.00 0.55 -19.30
C LYS B 88 4.13 -0.79 -18.56
N GLY B 89 3.05 -1.57 -18.57
CA GLY B 89 3.07 -2.92 -18.05
C GLY B 89 2.38 -3.10 -16.71
N VAL B 90 1.94 -2.02 -16.08
CA VAL B 90 1.36 -2.14 -14.75
C VAL B 90 -0.07 -2.64 -14.82
N GLY B 91 -0.80 -2.30 -15.88
CA GLY B 91 -2.18 -2.67 -16.03
C GLY B 91 -3.17 -1.75 -15.35
N TYR B 92 -2.69 -0.74 -14.63
CA TYR B 92 -3.56 0.16 -13.88
C TYR B 92 -2.98 1.56 -13.90
N SER B 93 -3.84 2.54 -13.60
CA SER B 93 -3.35 3.88 -13.32
C SER B 93 -2.41 3.85 -12.14
N ARG B 94 -1.44 4.76 -12.13
CA ARG B 94 -0.35 4.72 -11.17
C ARG B 94 -0.68 5.53 -9.93
N MET B 95 -0.27 5.00 -8.76
CA MET B 95 -0.27 5.80 -7.54
C MET B 95 0.94 6.73 -7.57
N PRO B 96 0.81 7.95 -7.05
CA PRO B 96 2.01 8.78 -6.84
C PRO B 96 2.93 8.09 -5.84
N ALA B 97 4.23 8.21 -6.07
CA ALA B 97 5.24 7.59 -5.23
C ALA B 97 5.77 8.55 -4.17
N SER B 98 4.97 9.53 -3.77
CA SER B 98 5.45 10.55 -2.85
C SER B 98 5.85 9.94 -1.50
N ALA B 99 5.04 9.01 -0.97
CA ALA B 99 5.39 8.36 0.28
C ALA B 99 6.65 7.50 0.11
N ALA B 100 6.77 6.84 -1.04
CA ALA B 100 7.98 6.07 -1.33
C ALA B 100 9.19 6.98 -1.40
N TYR B 101 9.06 8.13 -2.08
CA TYR B 101 10.16 9.08 -2.14
C TYR B 101 10.57 9.54 -0.74
N ARG B 102 9.60 9.98 0.06
CA ARG B 102 9.93 10.41 1.42
C ARG B 102 10.59 9.29 2.20
N ALA B 103 10.10 8.06 2.07
CA ALA B 103 10.72 6.94 2.77
C ALA B 103 12.16 6.78 2.36
N VAL B 104 12.45 6.98 1.07
CA VAL B 104 13.82 6.83 0.57
C VAL B 104 14.71 7.93 1.11
N THR B 105 14.18 9.15 1.26
CA THR B 105 15.01 10.24 1.76
C THR B 105 15.52 9.94 3.16
N MET B 106 14.79 9.13 3.94
CA MET B 106 15.28 8.75 5.26
C MET B 106 16.60 8.01 5.17
N LEU B 107 16.86 7.35 4.04
CA LEU B 107 18.12 6.65 3.84
C LEU B 107 19.11 7.43 2.99
N ILE B 108 18.62 8.30 2.11
CA ILE B 108 19.42 9.17 1.26
C ILE B 108 18.92 10.59 1.51
N PRO B 109 19.31 11.24 2.62
CA PRO B 109 18.62 12.49 3.00
C PRO B 109 18.78 13.65 2.02
N ASN B 110 19.83 13.67 1.21
CA ASN B 110 20.04 14.76 0.27
C ASN B 110 19.47 14.45 -1.12
N LEU B 111 18.60 13.46 -1.22
CA LEU B 111 18.02 13.07 -2.51
C LEU B 111 16.92 14.06 -2.87
N THR B 112 17.14 14.85 -3.92
CA THR B 112 16.14 15.77 -4.40
C THR B 112 15.08 15.02 -5.20
N GLN B 113 13.93 15.66 -5.37
CA GLN B 113 12.81 15.02 -6.04
C GLN B 113 13.14 14.77 -7.52
N PRO B 114 13.80 15.71 -8.21
CA PRO B 114 14.17 15.42 -9.61
C PRO B 114 15.17 14.29 -9.74
N THR B 115 16.21 14.26 -8.89
CA THR B 115 17.15 13.14 -8.91
C THR B 115 16.42 11.84 -8.60
N TRP B 116 15.47 11.86 -7.66
CA TRP B 116 14.64 10.68 -7.42
C TRP B 116 13.93 10.27 -8.70
N SER B 117 13.30 11.23 -9.38
CA SER B 117 12.50 10.89 -10.56
C SER B 117 13.36 10.32 -11.67
N ARG B 118 14.61 10.78 -11.79
CA ARG B 118 15.41 10.35 -12.93
C ARG B 118 16.30 9.15 -12.65
N THR B 119 16.72 8.95 -11.40
CA THR B 119 17.75 7.96 -11.11
C THR B 119 17.31 6.86 -10.15
N VAL B 120 16.20 7.04 -9.44
CA VAL B 120 15.74 6.06 -8.45
C VAL B 120 14.32 5.61 -8.73
N LYS B 121 13.40 6.55 -8.98
CA LYS B 121 12.03 6.18 -9.25
C LYS B 121 11.90 5.16 -10.38
N PRO B 122 12.71 5.20 -11.44
CA PRO B 122 12.58 4.17 -12.48
C PRO B 122 12.74 2.75 -11.97
N LEU B 123 13.59 2.53 -10.95
CA LEU B 123 13.69 1.20 -10.36
C LEU B 123 12.39 0.83 -9.64
N TYR B 124 11.81 1.77 -8.90
CA TYR B 124 10.52 1.55 -8.25
C TYR B 124 9.44 1.22 -9.27
N ASP B 125 9.41 1.94 -10.39
CA ASP B 125 8.45 1.64 -11.44
C ASP B 125 8.69 0.25 -12.02
N ALA B 126 9.95 -0.11 -12.26
CA ALA B 126 10.25 -1.46 -12.74
C ALA B 126 9.70 -2.51 -11.77
N LEU B 127 9.80 -2.25 -10.47
CA LEU B 127 9.32 -3.22 -9.49
C LEU B 127 7.79 -3.32 -9.48
N VAL B 128 7.10 -2.20 -9.66
CA VAL B 128 5.64 -2.27 -9.78
C VAL B 128 5.24 -3.06 -11.02
N VAL B 129 5.92 -2.79 -12.14
CA VAL B 129 5.66 -3.56 -13.35
C VAL B 129 5.88 -5.04 -13.08
N GLN B 130 6.93 -5.38 -12.33
CA GLN B 130 7.23 -6.77 -12.05
C GLN B 130 6.15 -7.39 -11.17
N CYS B 131 5.54 -6.60 -10.27
CA CYS B 131 4.38 -7.08 -9.55
C CYS B 131 3.32 -7.56 -10.53
N HIS B 132 3.09 -6.78 -11.58
CA HIS B 132 2.08 -7.19 -12.55
C HIS B 132 2.55 -8.36 -13.41
N LYS B 133 3.85 -8.45 -13.67
CA LYS B 133 4.42 -9.48 -14.53
C LYS B 133 4.49 -10.83 -13.84
N GLU B 134 4.89 -10.84 -12.58
CA GLU B 134 5.00 -12.08 -11.81
C GLU B 134 3.62 -12.57 -11.46
N GLU B 135 3.24 -13.72 -12.03
CA GLU B 135 1.86 -14.22 -11.92
C GLU B 135 1.45 -14.41 -10.47
N SER B 136 2.34 -14.94 -9.63
CA SER B 136 1.98 -15.17 -8.24
C SER B 136 1.56 -13.87 -7.54
N ILE B 137 2.38 -12.82 -7.67
CA ILE B 137 2.08 -11.55 -7.01
C ILE B 137 0.79 -10.96 -7.58
N ALA B 138 0.73 -10.83 -8.90
CA ALA B 138 -0.42 -10.20 -9.54
C ALA B 138 -1.71 -10.94 -9.18
N ASP B 139 -1.68 -12.27 -9.20
CA ASP B 139 -2.87 -13.05 -8.93
C ASP B 139 -3.31 -12.93 -7.47
N ASN B 140 -2.35 -12.99 -6.53
N ASN B 140 -2.36 -12.96 -6.52
CA ASN B 140 -2.71 -12.80 -5.13
CA ASN B 140 -2.75 -12.82 -5.12
C ASN B 140 -3.35 -11.45 -4.88
C ASN B 140 -3.34 -11.43 -4.86
N ILE B 141 -2.75 -10.40 -5.45
CA ILE B 141 -3.28 -9.05 -5.29
C ILE B 141 -4.68 -8.96 -5.88
N LEU B 142 -4.84 -9.43 -7.13
CA LEU B 142 -6.14 -9.36 -7.78
C LEU B 142 -7.20 -10.11 -6.99
N ASN B 143 -6.88 -11.32 -6.52
CA ASN B 143 -7.85 -12.12 -5.80
C ASN B 143 -8.20 -11.50 -4.45
N ALA B 144 -7.22 -10.89 -3.77
CA ALA B 144 -7.52 -10.27 -2.47
C ALA B 144 -8.33 -8.99 -2.63
N VAL B 145 -7.97 -8.17 -3.62
CA VAL B 145 -8.55 -6.84 -3.79
C VAL B 145 -9.97 -6.92 -4.32
N THR B 146 -10.24 -7.86 -5.23
CA THR B 146 -11.55 -7.97 -5.84
C THR B 146 -12.51 -8.74 -4.95
N ARG B 147 -13.79 -8.39 -5.04
CA ARG B 147 -14.81 -8.98 -4.19
C ARG B 147 -15.91 -9.67 -4.98
ZN ZN C . 2.32 5.63 19.81
C1 GOL D . -14.06 -9.32 14.07
O1 GOL D . -14.51 -8.06 14.52
C2 GOL D . -14.45 -9.40 12.60
O2 GOL D . -13.53 -8.71 11.78
C3 GOL D . -14.47 -10.89 12.28
O3 GOL D . -15.82 -11.26 12.18
H11 GOL D . -14.46 -10.06 14.55
H12 GOL D . -13.11 -9.43 14.16
HO1 GOL D . -14.36 -8.03 15.35
H2 GOL D . -15.32 -9.01 12.45
HO2 GOL D . -13.00 -9.27 11.44
H31 GOL D . -13.99 -11.36 12.97
H32 GOL D . -13.96 -11.04 11.46
C1 EDO E . -20.13 -9.97 4.98
O1 EDO E . -20.04 -9.92 6.41
C2 EDO E . -18.96 -9.21 4.35
O2 EDO E . -17.83 -10.07 4.16
H11 EDO E . -21.07 -9.54 4.64
H12 EDO E . -20.10 -11.01 4.65
HO1 EDO E . -20.79 -10.38 6.79
H21 EDO E . -18.68 -8.38 4.99
H22 EDO E . -19.27 -8.80 3.38
HO2 EDO E . -17.08 -9.56 3.82
ZN ZN F . -2.13 -0.52 -20.32
CL CL G . -8.08 9.26 -21.33
CL CL H . -3.34 6.89 -17.20
C1 PEG I . 13.41 -12.38 -11.16
O1 PEG I . 13.88 -13.64 -11.56
C2 PEG I . 14.14 -11.93 -9.89
O2 PEG I . 13.59 -12.55 -8.75
C3 PEG I . 14.12 -13.81 -8.48
C4 PEG I . 15.18 -13.70 -7.38
O4 PEG I . 16.03 -14.82 -7.44
H11 PEG I . 12.45 -12.45 -10.97
H12 PEG I . 13.56 -11.74 -11.86
HO1 PEG I . 13.75 -13.74 -12.39
H21 PEG I . 14.04 -10.96 -9.80
H22 PEG I . 15.07 -12.16 -9.97
H31 PEG I . 13.41 -14.40 -8.19
H32 PEG I . 14.54 -14.16 -9.28
H41 PEG I . 14.74 -13.68 -6.52
H42 PEG I . 15.70 -12.90 -7.49
HO4 PEG I . 16.61 -14.77 -6.82
C1 EDO J . 5.01 -14.50 -3.80
O1 EDO J . 3.69 -13.92 -3.74
C2 EDO J . 5.71 -14.05 -5.07
O2 EDO J . 6.59 -15.07 -5.53
H11 EDO J . 4.94 -15.59 -3.77
H12 EDO J . 5.59 -14.17 -2.92
HO1 EDO J . 3.23 -14.25 -2.96
H21 EDO J . 6.26 -13.13 -4.89
H22 EDO J . 4.96 -13.83 -5.84
HO2 EDO J . 7.02 -14.79 -6.34
C1 EDO K . -8.68 5.11 -15.87
O1 EDO K . -8.49 6.14 -14.88
C2 EDO K . -7.70 3.98 -15.66
O2 EDO K . -6.57 4.12 -16.54
H11 EDO K . -8.54 5.54 -16.87
H12 EDO K . -9.70 4.74 -15.80
HO1 EDO K . -9.12 6.85 -15.02
H21 EDO K . -8.19 3.02 -15.84
H22 EDO K . -7.34 3.97 -14.62
HO2 EDO K . -5.94 3.40 -16.37
#